data_2H28
#
_entry.id   2H28
#
_cell.length_a   54.216
_cell.length_b   45.310
_cell.length_c   60.185
_cell.angle_alpha   90
_cell.angle_beta   108.79
_cell.angle_gamma   90
#
_symmetry.space_group_name_H-M   'P 1 21 1'
#
loop_
_entity.id
_entity.type
_entity.pdbx_description
1 polymer 'Hypothetical protein yeeU'
2 non-polymer 'CHLORIDE ION'
3 non-polymer 'MAGNESIUM ION'
4 non-polymer GLYCEROL
5 water water
#
_entity_poly.entity_id   1
_entity_poly.type   'polypeptide(L)'
_entity_poly.pdbx_seq_one_letter_code
;(MSE)SDTLPGTTLPDDNHDRPWWGLPCTVTPCFGARLVQEGNRLHYLADRAGIRGLFSDADAYHLDQAFPLL(MSE)KQ
LEL(MSE)LTSGELNPRHQHTVTLYAKGLTCKADTLSSCDYVYLAVYPTPE(MSE)KNLEHHHHHH
;
_entity_poly.pdbx_strand_id   A,B
#
# COMPACT_ATOMS: atom_id res chain seq x y z
N ASP A 16 3.14 -9.41 10.95
CA ASP A 16 3.10 -7.95 11.28
C ASP A 16 1.77 -7.37 10.83
N ARG A 17 1.66 -6.05 10.82
CA ARG A 17 0.43 -5.37 10.44
C ARG A 17 0.30 -5.08 8.94
N PRO A 18 -0.91 -5.30 8.38
CA PRO A 18 -1.19 -5.05 6.97
C PRO A 18 -1.43 -3.57 6.75
N TRP A 19 -1.44 -3.14 5.50
CA TRP A 19 -1.69 -1.75 5.17
C TRP A 19 -3.16 -1.57 4.78
N TRP A 20 -3.83 -0.62 5.41
CA TRP A 20 -5.24 -0.34 5.14
C TRP A 20 -5.48 0.96 4.38
N GLY A 21 -4.46 1.79 4.26
CA GLY A 21 -4.63 3.07 3.61
C GLY A 21 -4.59 3.11 2.10
N LEU A 22 -4.64 4.32 1.56
CA LEU A 22 -4.57 4.53 0.14
C LEU A 22 -3.17 4.08 -0.30
N PRO A 23 -3.06 3.44 -1.49
CA PRO A 23 -1.74 3.00 -1.95
C PRO A 23 -0.77 4.19 -1.82
N CYS A 24 0.40 3.95 -1.24
CA CYS A 24 1.38 5.02 -1.04
C CYS A 24 2.79 4.47 -0.82
N THR A 25 3.79 5.10 -1.44
CA THR A 25 5.17 4.65 -1.29
C THR A 25 5.99 5.59 -0.41
N VAL A 26 5.39 6.69 0.01
CA VAL A 26 6.08 7.65 0.86
C VAL A 26 6.29 7.05 2.25
N THR A 27 7.44 7.35 2.85
CA THR A 27 7.76 6.86 4.20
C THR A 27 8.31 8.03 4.99
N PRO A 28 7.81 8.25 6.22
CA PRO A 28 6.79 7.47 6.90
C PRO A 28 5.41 7.83 6.35
N CYS A 29 4.41 7.05 6.69
CA CYS A 29 3.07 7.32 6.22
C CYS A 29 2.03 6.70 7.13
N PHE A 30 0.93 7.42 7.30
CA PHE A 30 -0.18 6.95 8.11
C PHE A 30 -1.23 6.56 7.10
N GLY A 31 -1.77 5.35 7.24
CA GLY A 31 -2.78 4.88 6.33
C GLY A 31 -3.97 4.36 7.11
N ALA A 32 -5.17 4.66 6.60
CA ALA A 32 -6.40 4.22 7.25
C ALA A 32 -7.53 3.99 6.24
N ARG A 33 -8.42 3.07 6.56
CA ARG A 33 -9.57 2.81 5.72
C ARG A 33 -10.77 3.22 6.54
N LEU A 34 -11.39 4.33 6.17
CA LEU A 34 -12.55 4.85 6.88
C LEU A 34 -13.84 4.24 6.39
N VAL A 35 -14.74 3.93 7.33
CA VAL A 35 -16.04 3.37 6.98
C VAL A 35 -16.88 4.55 6.52
N GLN A 36 -17.41 4.46 5.31
CA GLN A 36 -18.22 5.52 4.73
C GLN A 36 -19.70 5.14 4.76
N GLU A 37 -20.48 5.87 5.56
CA GLU A 37 -21.91 5.64 5.69
C GLU A 37 -22.59 6.97 5.36
N GLY A 38 -23.14 7.09 4.15
CA GLY A 38 -23.78 8.32 3.76
C GLY A 38 -22.70 9.38 3.67
N ASN A 39 -22.91 10.53 4.30
CA ASN A 39 -21.89 11.58 4.28
C ASN A 39 -21.12 11.56 5.59
N ARG A 40 -21.22 10.45 6.30
CA ARG A 40 -20.53 10.27 7.56
C ARG A 40 -19.33 9.35 7.38
N LEU A 41 -18.25 9.64 8.09
CA LEU A 41 -17.05 8.83 8.02
C LEU A 41 -16.72 8.32 9.40
N HIS A 42 -16.31 7.07 9.49
CA HIS A 42 -15.99 6.49 10.78
C HIS A 42 -14.58 5.93 10.83
N TYR A 43 -13.78 6.46 11.75
CA TYR A 43 -12.40 6.02 11.92
C TYR A 43 -12.29 4.79 12.81
N LEU A 44 -11.58 3.78 12.30
CA LEU A 44 -11.33 2.55 13.02
C LEU A 44 -9.83 2.38 13.21
N ALA A 45 -9.39 2.40 14.47
CA ALA A 45 -7.96 2.26 14.78
C ALA A 45 -7.39 0.94 14.27
N ASP A 46 -8.18 -0.13 14.36
CA ASP A 46 -7.74 -1.44 13.89
C ASP A 46 -7.72 -1.52 12.36
N ARG A 47 -8.06 -0.41 11.72
CA ARG A 47 -8.08 -0.35 10.25
C ARG A 47 -7.20 0.82 9.84
N ALA A 48 -6.15 1.03 10.62
CA ALA A 48 -5.18 2.11 10.41
C ALA A 48 -3.82 1.64 10.88
N GLY A 49 -2.78 2.40 10.54
CA GLY A 49 -1.44 2.03 10.97
C GLY A 49 -0.43 2.96 10.37
N ILE A 50 0.82 2.84 10.80
CA ILE A 50 1.88 3.69 10.30
C ILE A 50 3.04 2.91 9.70
N ARG A 51 3.61 3.44 8.62
CA ARG A 51 4.76 2.82 7.97
C ARG A 51 5.91 3.76 8.28
N GLY A 52 6.97 3.25 8.91
CA GLY A 52 8.11 4.08 9.24
C GLY A 52 7.97 4.79 10.57
N LEU A 53 8.74 5.85 10.74
CA LEU A 53 8.73 6.63 11.98
C LEU A 53 8.51 8.11 11.72
N PHE A 54 7.43 8.65 12.27
CA PHE A 54 7.15 10.07 12.11
C PHE A 54 8.00 10.85 13.11
N SER A 55 8.56 11.97 12.67
CA SER A 55 9.33 12.81 13.58
C SER A 55 8.31 13.19 14.64
N ASP A 56 8.76 13.61 15.83
CA ASP A 56 7.83 13.97 16.89
C ASP A 56 6.94 15.13 16.44
N ALA A 57 7.52 16.06 15.69
CA ALA A 57 6.78 17.21 15.20
C ALA A 57 5.65 16.80 14.25
N ASP A 58 5.93 15.83 13.38
CA ASP A 58 4.92 15.35 12.43
C ASP A 58 3.83 14.52 13.09
N ALA A 59 4.22 13.65 14.03
CA ALA A 59 3.25 12.82 14.73
C ALA A 59 2.26 13.72 15.46
N TYR A 60 2.76 14.80 16.04
CA TYR A 60 1.91 15.75 16.76
C TYR A 60 0.95 16.48 15.82
N HIS A 61 1.46 16.97 14.70
CA HIS A 61 0.61 17.67 13.74
C HIS A 61 -0.41 16.73 13.11
N LEU A 62 -0.01 15.48 12.89
CA LEU A 62 -0.89 14.48 12.31
C LEU A 62 -2.06 14.28 13.27
N ASP A 63 -1.74 14.01 14.52
CA ASP A 63 -2.77 13.79 15.53
C ASP A 63 -3.71 14.97 15.74
N GLN A 64 -3.16 16.19 15.75
CA GLN A 64 -3.98 17.39 15.97
C GLN A 64 -4.89 17.71 14.78
N ALA A 65 -4.40 17.46 13.58
CA ALA A 65 -5.16 17.76 12.37
C ALA A 65 -6.14 16.66 11.95
N PHE A 66 -6.02 15.46 12.50
CA PHE A 66 -6.89 14.37 12.09
C PHE A 66 -8.40 14.68 12.15
N PRO A 67 -8.87 15.31 13.25
CA PRO A 67 -10.31 15.61 13.32
C PRO A 67 -10.74 16.58 12.22
N LEU A 68 -9.87 17.55 11.92
CA LEU A 68 -10.16 18.51 10.88
C LEU A 68 -10.21 17.78 9.53
N LEU A 69 -9.22 16.92 9.32
CA LEU A 69 -9.15 16.14 8.09
C LEU A 69 -10.44 15.34 7.89
N LYS A 71 -13.41 15.89 9.09
CA LYS A 71 -14.49 16.82 8.79
C LYS A 71 -14.43 17.26 7.33
N GLN A 72 -13.24 17.62 6.87
CA GLN A 72 -13.08 18.05 5.48
C GLN A 72 -13.49 16.95 4.51
N LEU A 73 -13.13 15.71 4.81
CA LEU A 73 -13.49 14.62 3.92
C LEU A 73 -15.00 14.41 3.90
N GLU A 74 -15.67 14.60 5.04
CA GLU A 74 -17.13 14.44 5.08
C GLU A 74 -17.82 15.57 4.32
N LEU A 75 -17.23 16.76 4.38
CA LEU A 75 -17.77 17.92 3.70
C LEU A 75 -17.78 17.58 2.22
N LEU A 77 -17.92 14.69 0.91
CA LEU A 77 -18.88 13.64 0.61
C LEU A 77 -20.24 14.30 0.45
N THR A 78 -20.55 15.21 1.37
CA THR A 78 -21.81 15.94 1.35
C THR A 78 -21.90 16.78 0.08
N SER A 79 -20.80 17.45 -0.26
CA SER A 79 -20.75 18.30 -1.45
C SER A 79 -20.70 17.48 -2.72
N GLY A 80 -20.16 16.26 -2.62
CA GLY A 80 -20.08 15.40 -3.79
C GLY A 80 -18.70 15.24 -4.39
N GLU A 81 -17.73 16.03 -3.92
CA GLU A 81 -16.38 15.96 -4.42
C GLU A 81 -15.84 14.53 -4.28
N LEU A 82 -16.11 13.89 -3.15
CA LEU A 82 -15.68 12.51 -2.93
C LEU A 82 -16.92 11.66 -3.25
N ASN A 83 -16.81 10.77 -4.22
CA ASN A 83 -17.93 9.94 -4.61
C ASN A 83 -17.62 8.46 -4.42
N PRO A 84 -18.42 7.76 -3.60
CA PRO A 84 -18.29 6.34 -3.29
C PRO A 84 -18.22 5.42 -4.51
N ARG A 85 -18.79 5.85 -5.63
CA ARG A 85 -18.80 5.01 -6.82
C ARG A 85 -17.76 5.42 -7.86
N HIS A 86 -16.91 6.38 -7.54
CA HIS A 86 -15.90 6.81 -8.50
C HIS A 86 -14.50 6.89 -7.90
N GLN A 87 -13.51 6.47 -8.67
CA GLN A 87 -12.13 6.52 -8.22
C GLN A 87 -11.62 7.91 -8.53
N HIS A 88 -11.34 8.68 -7.48
CA HIS A 88 -10.85 10.04 -7.62
C HIS A 88 -10.11 10.43 -6.35
N THR A 89 -8.84 10.81 -6.49
CA THR A 89 -8.03 11.17 -5.34
C THR A 89 -8.05 12.66 -5.02
N VAL A 90 -8.48 13.00 -3.81
CA VAL A 90 -8.51 14.38 -3.36
C VAL A 90 -7.25 14.63 -2.53
N THR A 91 -6.84 15.89 -2.45
CA THR A 91 -5.65 16.24 -1.70
C THR A 91 -5.96 17.32 -0.68
N LEU A 92 -5.47 17.12 0.54
CA LEU A 92 -5.70 18.06 1.62
C LEU A 92 -4.35 18.33 2.29
N TYR A 93 -4.28 19.44 3.02
CA TYR A 93 -3.03 19.77 3.69
C TYR A 93 -3.19 20.09 5.17
N ALA A 94 -2.09 19.93 5.89
CA ALA A 94 -2.03 20.21 7.32
C ALA A 94 -0.57 20.54 7.59
N LYS A 95 -0.31 21.23 8.69
CA LYS A 95 1.05 21.63 9.04
C LYS A 95 2.12 20.60 8.63
N GLY A 96 2.77 20.88 7.51
CA GLY A 96 3.82 20.02 7.00
C GLY A 96 3.37 18.63 6.59
N LEU A 97 2.08 18.46 6.37
CA LEU A 97 1.57 17.14 5.99
C LEU A 97 0.68 17.18 4.75
N THR A 98 0.75 16.12 3.97
CA THR A 98 -0.06 15.96 2.78
C THR A 98 -1.00 14.80 3.05
N CYS A 99 -2.28 14.99 2.76
CA CYS A 99 -3.26 13.95 2.96
C CYS A 99 -3.96 13.61 1.65
N LYS A 100 -3.87 12.36 1.25
CA LYS A 100 -4.52 11.90 0.03
C LYS A 100 -5.67 11.00 0.50
N ALA A 101 -6.80 11.09 -0.20
CA ALA A 101 -7.97 10.28 0.12
C ALA A 101 -8.76 9.93 -1.14
N ASP A 102 -9.32 8.72 -1.16
CA ASP A 102 -10.09 8.26 -2.33
C ASP A 102 -11.03 7.15 -1.87
N THR A 103 -12.25 7.11 -2.43
CA THR A 103 -13.19 6.05 -2.08
C THR A 103 -12.75 4.82 -2.87
N LEU A 104 -11.98 5.07 -3.92
CA LEU A 104 -11.51 4.02 -4.82
C LEU A 104 -12.72 3.31 -5.41
N SER A 105 -13.83 4.03 -5.52
CA SER A 105 -15.07 3.50 -6.06
C SER A 105 -15.54 2.28 -5.27
N SER A 106 -15.23 2.26 -3.98
CA SER A 106 -15.57 1.13 -3.11
C SER A 106 -17.00 1.06 -2.57
N CYS A 107 -17.75 2.14 -2.62
CA CYS A 107 -19.12 2.15 -2.09
C CYS A 107 -19.10 1.49 -0.70
N ASP A 108 -18.19 1.94 0.16
CA ASP A 108 -18.06 1.39 1.51
C ASP A 108 -17.02 2.15 2.33
N TYR A 109 -15.96 2.62 1.66
CA TYR A 109 -14.91 3.32 2.37
C TYR A 109 -14.31 4.52 1.68
N VAL A 110 -13.41 5.15 2.43
CA VAL A 110 -12.61 6.27 1.96
C VAL A 110 -11.24 5.84 2.48
N TYR A 111 -10.31 5.60 1.56
CA TYR A 111 -8.97 5.20 1.92
C TYR A 111 -8.13 6.46 2.01
N LEU A 112 -7.27 6.55 3.02
CA LEU A 112 -6.43 7.73 3.12
C LEU A 112 -4.98 7.43 3.41
N ALA A 113 -4.14 8.37 3.03
CA ALA A 113 -2.72 8.26 3.26
C ALA A 113 -2.28 9.66 3.65
N VAL A 114 -1.60 9.77 4.78
CA VAL A 114 -1.10 11.05 5.26
C VAL A 114 0.40 10.90 5.48
N TYR A 115 1.19 11.80 4.88
CA TYR A 115 2.65 11.73 5.04
C TYR A 115 3.26 13.13 5.07
N PRO A 116 4.53 13.24 5.52
CA PRO A 116 5.18 14.54 5.58
C PRO A 116 5.32 15.06 4.16
N THR A 117 4.94 16.31 3.93
CA THR A 117 5.06 16.87 2.60
C THR A 117 6.50 16.76 2.17
N PRO A 118 6.75 16.11 1.02
CA PRO A 118 8.11 15.95 0.54
C PRO A 118 8.81 17.28 0.32
N GLU A 119 10.09 17.33 0.68
CA GLU A 119 10.86 18.53 0.50
C GLU A 119 11.46 18.47 -0.89
N LYS A 121 14.38 18.92 -2.44
CA LYS A 121 15.80 19.07 -2.14
C LYS A 121 16.63 19.79 -3.21
N ASN A 122 16.27 19.64 -4.48
CA ASN A 122 17.03 20.30 -5.53
C ASN A 122 16.78 21.80 -5.63
N LEU A 123 15.66 22.26 -5.06
CA LEU A 123 15.30 23.67 -5.09
C LEU A 123 15.62 24.36 -3.77
N GLU A 124 15.75 23.57 -2.71
CA GLU A 124 16.05 24.12 -1.40
C GLU A 124 17.54 24.30 -1.19
N HIS B 15 -11.63 -6.98 -2.04
CA HIS B 15 -12.44 -5.75 -1.83
C HIS B 15 -12.37 -5.23 -0.38
N ASP B 16 -12.31 -6.15 0.58
CA ASP B 16 -12.24 -5.79 1.98
C ASP B 16 -10.91 -6.16 2.60
N ARG B 17 -10.04 -6.77 1.80
CA ARG B 17 -8.74 -7.17 2.28
C ARG B 17 -7.80 -5.98 2.40
N PRO B 18 -6.92 -6.01 3.41
CA PRO B 18 -5.97 -4.90 3.55
C PRO B 18 -4.87 -5.27 2.56
N TRP B 19 -3.82 -4.46 2.46
CA TRP B 19 -2.72 -4.76 1.54
C TRP B 19 -1.57 -5.43 2.29
N TRP B 20 -1.10 -6.56 1.76
CA TRP B 20 -0.01 -7.31 2.38
C TRP B 20 1.30 -7.20 1.61
N GLY B 21 1.27 -6.59 0.42
CA GLY B 21 2.47 -6.50 -0.38
C GLY B 21 3.42 -5.35 -0.14
N LEU B 22 4.41 -5.24 -1.01
CA LEU B 22 5.39 -4.17 -0.96
C LEU B 22 4.64 -2.87 -1.26
N PRO B 23 5.00 -1.77 -0.59
CA PRO B 23 4.29 -0.52 -0.87
C PRO B 23 4.34 -0.31 -2.39
N CYS B 24 3.24 0.11 -2.99
CA CYS B 24 3.21 0.28 -4.43
C CYS B 24 1.97 1.08 -4.84
N THR B 25 2.13 2.00 -5.79
CA THR B 25 1.02 2.82 -6.23
C THR B 25 0.53 2.47 -7.63
N VAL B 26 1.07 1.40 -8.19
CA VAL B 26 0.66 0.99 -9.52
C VAL B 26 -0.60 0.14 -9.45
N THR B 27 -1.52 0.35 -10.38
CA THR B 27 -2.75 -0.44 -10.42
C THR B 27 -2.97 -0.88 -11.87
N PRO B 28 -3.38 -2.13 -12.08
CA PRO B 28 -3.65 -3.16 -11.06
C PRO B 28 -2.33 -3.61 -10.43
N CYS B 29 -2.42 -4.36 -9.35
CA CYS B 29 -1.24 -4.86 -8.69
C CYS B 29 -1.55 -6.01 -7.75
N PHE B 30 -0.69 -7.01 -7.79
CA PHE B 30 -0.83 -8.20 -6.95
C PHE B 30 0.16 -8.00 -5.81
N GLY B 31 -0.30 -8.16 -4.59
CA GLY B 31 0.56 -7.98 -3.45
C GLY B 31 0.49 -9.16 -2.52
N ALA B 32 1.65 -9.55 -2.00
CA ALA B 32 1.71 -10.69 -1.09
C ALA B 32 2.86 -10.54 -0.10
N ARG B 33 2.66 -11.15 1.07
CA ARG B 33 3.68 -11.16 2.09
C ARG B 33 4.10 -12.64 2.17
N LEU B 34 5.17 -12.97 1.48
CA LEU B 34 5.67 -14.34 1.46
C LEU B 34 6.39 -14.66 2.77
N VAL B 35 6.26 -15.90 3.22
CA VAL B 35 6.93 -16.33 4.44
C VAL B 35 8.25 -16.97 4.06
N GLN B 36 9.35 -16.52 4.67
CA GLN B 36 10.64 -17.09 4.35
C GLN B 36 11.22 -17.92 5.49
N GLU B 37 11.52 -19.17 5.21
CA GLU B 37 12.12 -20.06 6.19
C GLU B 37 13.45 -20.52 5.59
N GLY B 38 14.52 -19.80 5.94
CA GLY B 38 15.81 -20.14 5.40
C GLY B 38 15.89 -19.64 3.97
N ASN B 39 16.16 -20.54 3.04
CA ASN B 39 16.25 -20.18 1.63
C ASN B 39 14.93 -20.44 0.91
N ARG B 40 13.95 -20.96 1.63
CA ARG B 40 12.65 -21.26 1.04
C ARG B 40 11.63 -20.15 1.27
N LEU B 41 10.74 -19.97 0.29
CA LEU B 41 9.69 -18.96 0.38
C LEU B 41 8.33 -19.63 0.29
N HIS B 42 7.40 -19.20 1.13
CA HIS B 42 6.07 -19.77 1.14
C HIS B 42 5.01 -18.73 0.81
N TYR B 43 4.24 -19.00 -0.24
CA TYR B 43 3.16 -18.10 -0.63
C TYR B 43 1.91 -18.51 0.14
N LEU B 44 1.29 -17.53 0.78
CA LEU B 44 0.06 -17.78 1.53
C LEU B 44 -1.03 -16.91 0.94
N ALA B 45 -2.01 -17.53 0.31
CA ALA B 45 -3.12 -16.81 -0.31
C ALA B 45 -3.89 -15.93 0.68
N ASP B 46 -3.82 -16.28 1.95
CA ASP B 46 -4.52 -15.50 2.97
C ASP B 46 -3.74 -14.23 3.32
N ARG B 47 -2.54 -14.10 2.77
CA ARG B 47 -1.71 -12.93 3.03
C ARG B 47 -1.29 -12.31 1.69
N ALA B 48 -2.27 -12.22 0.80
CA ALA B 48 -2.07 -11.68 -0.53
C ALA B 48 -3.39 -11.06 -0.97
N GLY B 49 -3.38 -10.39 -2.11
CA GLY B 49 -4.58 -9.76 -2.61
C GLY B 49 -4.26 -8.94 -3.84
N ILE B 50 -5.30 -8.48 -4.51
CA ILE B 50 -5.15 -7.69 -5.73
C ILE B 50 -5.84 -6.33 -5.63
N ARG B 51 -5.18 -5.29 -6.13
CA ARG B 51 -5.77 -3.96 -6.16
C ARG B 51 -6.18 -3.74 -7.62
N GLY B 52 -7.35 -3.17 -7.83
CA GLY B 52 -7.79 -2.94 -9.19
C GLY B 52 -8.17 -4.25 -9.86
N LEU B 53 -8.10 -4.25 -11.19
CA LEU B 53 -8.48 -5.42 -11.97
C LEU B 53 -7.46 -5.72 -13.07
N PHE B 54 -6.88 -6.91 -13.03
CA PHE B 54 -5.93 -7.32 -14.07
C PHE B 54 -6.74 -7.77 -15.28
N SER B 55 -6.19 -7.57 -16.48
CA SER B 55 -6.88 -8.04 -17.68
C SER B 55 -6.74 -9.55 -17.57
N ASP B 56 -7.64 -10.31 -18.19
CA ASP B 56 -7.55 -11.76 -18.12
C ASP B 56 -6.20 -12.29 -18.63
N ALA B 57 -5.65 -11.66 -19.66
CA ALA B 57 -4.37 -12.09 -20.22
C ALA B 57 -3.25 -11.95 -19.18
N ASP B 58 -3.22 -10.81 -18.49
CA ASP B 58 -2.20 -10.56 -17.46
C ASP B 58 -2.38 -11.52 -16.28
N ALA B 59 -3.63 -11.71 -15.89
CA ALA B 59 -3.96 -12.59 -14.79
C ALA B 59 -3.43 -13.98 -15.10
N TYR B 60 -3.65 -14.41 -16.34
CA TYR B 60 -3.19 -15.71 -16.78
C TYR B 60 -1.65 -15.76 -16.82
N HIS B 61 -1.04 -14.66 -17.26
CA HIS B 61 0.41 -14.63 -17.31
C HIS B 61 0.97 -14.64 -15.89
N LEU B 62 0.34 -13.93 -14.96
CA LEU B 62 0.81 -13.94 -13.59
C LEU B 62 0.83 -15.39 -13.09
N ASP B 63 -0.27 -16.10 -13.31
CA ASP B 63 -0.36 -17.50 -12.89
C ASP B 63 0.76 -18.33 -13.51
N GLN B 64 1.01 -18.13 -14.80
CA GLN B 64 2.05 -18.86 -15.51
C GLN B 64 3.46 -18.60 -14.99
N ALA B 65 3.76 -17.33 -14.73
CA ALA B 65 5.10 -16.93 -14.28
C ALA B 65 5.35 -17.02 -12.78
N PHE B 66 4.28 -17.14 -12.00
CA PHE B 66 4.45 -17.17 -10.55
C PHE B 66 5.54 -18.13 -10.08
N PRO B 67 5.49 -19.41 -10.50
CA PRO B 67 6.49 -20.39 -10.07
C PRO B 67 7.92 -19.93 -10.40
N LEU B 68 8.13 -19.42 -11.60
CA LEU B 68 9.45 -18.94 -11.98
C LEU B 68 9.83 -17.80 -11.04
N LEU B 69 8.86 -16.91 -10.77
CA LEU B 69 9.11 -15.76 -9.89
C LEU B 69 9.53 -16.18 -8.49
N LYS B 71 10.89 -19.09 -7.47
CA LYS B 71 12.23 -19.67 -7.53
C LYS B 71 13.30 -18.59 -7.67
N GLN B 72 13.03 -17.61 -8.53
CA GLN B 72 13.97 -16.52 -8.73
C GLN B 72 14.21 -15.80 -7.42
N LEU B 73 13.14 -15.65 -6.64
CA LEU B 73 13.24 -14.98 -5.35
C LEU B 73 13.98 -15.81 -4.32
N GLU B 74 13.79 -17.13 -4.33
CA GLU B 74 14.50 -17.98 -3.37
C GLU B 74 15.98 -17.96 -3.70
N LEU B 75 16.30 -17.88 -4.99
CA LEU B 75 17.68 -17.81 -5.43
C LEU B 75 18.34 -16.58 -4.83
N LEU B 77 17.38 -15.00 -2.33
CA LEU B 77 17.32 -15.12 -0.88
C LEU B 77 18.50 -15.99 -0.45
N THR B 78 18.89 -16.92 -1.33
CA THR B 78 19.98 -17.82 -1.07
C THR B 78 21.32 -17.14 -1.32
N SER B 79 21.34 -16.20 -2.27
CA SER B 79 22.56 -15.49 -2.62
C SER B 79 22.77 -14.24 -1.78
N GLY B 80 21.74 -13.84 -1.03
CA GLY B 80 21.86 -12.64 -0.21
C GLY B 80 21.35 -11.38 -0.86
N GLU B 81 21.09 -11.42 -2.17
CA GLU B 81 20.59 -10.24 -2.88
C GLU B 81 19.36 -9.74 -2.13
N LEU B 82 18.62 -10.67 -1.54
CA LEU B 82 17.45 -10.33 -0.73
C LEU B 82 17.93 -10.69 0.66
N ASN B 83 18.18 -9.68 1.50
CA ASN B 83 18.66 -9.94 2.85
C ASN B 83 17.62 -9.56 3.90
N PRO B 84 17.30 -10.52 4.80
CA PRO B 84 16.33 -10.33 5.88
C PRO B 84 16.54 -9.10 6.76
N ARG B 85 17.80 -8.66 6.88
CA ARG B 85 18.08 -7.49 7.70
C ARG B 85 18.34 -6.24 6.84
N HIS B 86 18.67 -6.46 5.59
CA HIS B 86 18.94 -5.37 4.66
C HIS B 86 17.70 -4.99 3.87
N GLN B 87 17.26 -3.75 4.02
CA GLN B 87 16.09 -3.28 3.28
C GLN B 87 16.56 -2.94 1.88
N HIS B 88 16.16 -3.76 0.91
CA HIS B 88 16.57 -3.55 -0.47
C HIS B 88 15.58 -4.17 -1.45
N THR B 89 15.14 -3.37 -2.41
CA THR B 89 14.18 -3.82 -3.42
C THR B 89 14.80 -4.40 -4.68
N VAL B 90 14.48 -5.66 -4.96
CA VAL B 90 14.98 -6.30 -6.16
C VAL B 90 13.85 -6.23 -7.19
N THR B 91 14.19 -6.29 -8.48
CA THR B 91 13.20 -6.22 -9.54
C THR B 91 13.32 -7.38 -10.50
N LEU B 92 12.20 -8.00 -10.83
CA LEU B 92 12.16 -9.12 -11.75
C LEU B 92 11.12 -8.85 -12.83
N TYR B 93 11.34 -9.43 -14.01
CA TYR B 93 10.41 -9.26 -15.11
C TYR B 93 9.99 -10.62 -15.66
N ALA B 94 8.71 -10.77 -15.95
CA ALA B 94 8.21 -12.03 -16.50
C ALA B 94 6.88 -11.84 -17.20
N LYS B 95 6.81 -12.30 -18.45
CA LYS B 95 5.60 -12.21 -19.25
C LYS B 95 4.87 -10.88 -19.16
N GLY B 96 5.57 -9.80 -19.49
CA GLY B 96 4.95 -8.48 -19.45
C GLY B 96 4.53 -8.01 -18.07
N LEU B 97 5.13 -8.60 -17.04
CA LEU B 97 4.83 -8.25 -15.66
C LEU B 97 6.11 -7.87 -14.92
N THR B 98 6.02 -6.82 -14.12
CA THR B 98 7.14 -6.36 -13.32
C THR B 98 6.93 -6.81 -11.89
N CYS B 99 7.96 -7.42 -11.31
CA CYS B 99 7.87 -7.89 -9.93
C CYS B 99 8.88 -7.16 -9.06
N LYS B 100 8.40 -6.50 -8.02
CA LYS B 100 9.25 -5.78 -7.08
C LYS B 100 9.17 -6.55 -5.77
N ALA B 101 10.31 -6.80 -5.13
CA ALA B 101 10.32 -7.54 -3.88
C ALA B 101 11.34 -6.95 -2.90
N ASP B 102 11.05 -7.09 -1.61
CA ASP B 102 11.89 -6.54 -0.56
C ASP B 102 11.55 -7.23 0.76
N THR B 103 12.58 -7.51 1.57
CA THR B 103 12.33 -8.14 2.88
C THR B 103 11.86 -7.05 3.85
N LEU B 104 12.20 -5.81 3.53
CA LEU B 104 11.85 -4.66 4.37
C LEU B 104 12.51 -4.78 5.74
N SER B 105 13.69 -5.40 5.76
CA SER B 105 14.44 -5.60 7.00
C SER B 105 13.71 -6.52 7.98
N SER B 106 12.58 -7.08 7.56
CA SER B 106 11.83 -7.97 8.44
C SER B 106 12.64 -9.25 8.61
N CYS B 107 12.42 -9.94 9.71
CA CYS B 107 13.14 -11.19 9.96
C CYS B 107 12.25 -12.39 9.70
N ASP B 108 11.26 -12.22 8.82
CA ASP B 108 10.35 -13.33 8.54
C ASP B 108 9.73 -13.35 7.15
N TYR B 109 9.63 -12.20 6.49
CA TYR B 109 8.99 -12.18 5.17
C TYR B 109 9.70 -11.51 4.01
N VAL B 110 9.04 -11.62 2.86
CA VAL B 110 9.46 -11.02 1.61
C VAL B 110 8.19 -10.39 1.04
N TYR B 111 8.17 -9.07 0.95
CA TYR B 111 7.02 -8.36 0.43
C TYR B 111 7.11 -8.23 -1.08
N LEU B 112 6.04 -8.63 -1.76
CA LEU B 112 5.98 -8.60 -3.21
C LEU B 112 4.92 -7.66 -3.75
N ALA B 113 5.16 -7.17 -4.97
CA ALA B 113 4.23 -6.31 -5.68
C ALA B 113 4.44 -6.65 -7.14
N VAL B 114 3.41 -7.18 -7.79
CA VAL B 114 3.52 -7.52 -9.20
C VAL B 114 2.47 -6.76 -9.98
N TYR B 115 2.92 -6.04 -11.00
CA TYR B 115 2.00 -5.26 -11.82
C TYR B 115 2.39 -5.31 -13.28
N PRO B 116 1.51 -4.86 -14.18
CA PRO B 116 1.82 -4.88 -15.60
C PRO B 116 2.99 -3.94 -15.90
N THR B 117 3.92 -4.39 -16.72
CA THR B 117 5.07 -3.56 -17.07
C THR B 117 4.62 -2.40 -17.95
N PRO B 118 4.96 -1.15 -17.57
CA PRO B 118 4.58 0.05 -18.33
C PRO B 118 5.09 0.06 -19.77
#